data_9NA2
#
_entry.id   9NA2
#
_cell.length_a   89.980
_cell.length_b   117.570
_cell.length_c   140.320
_cell.angle_alpha   90.000
_cell.angle_beta   90.000
_cell.angle_gamma   90.000
#
_symmetry.space_group_name_H-M   'I 2 2 2'
#
loop_
_entity.id
_entity.type
_entity.pdbx_description
1 polymer 'Interleukin-1 receptor-associated kinase 4'
2 non-polymer (6P)-6-[(8R)-3-cyanopyrrolo[1,2-b]pyridazin-7-yl]-N-[(2R)-2-fluoro-3-hydroxy-3-methylbutyl]-4-(methylamino)pyridine-3-carboxamide
3 non-polymer 'DIMETHYL SULFOXIDE'
4 water water
#
_entity_poly.entity_id   1
_entity_poly.type   'polypeptide(L)'
_entity_poly.pdbx_seq_one_letter_code
;GAMVSDTRFHSFSFYELKNVTNNFDERPISVGGNKMGEGGFGVVYKGYVNNTTVAVKKLAAMVDITTEELKQQFDQEIKV
MAKCQHENLVELLGFSSDGDDLCLVYVYMPNGSLLDRLSCLDGTPPLSWHMRCKIAQGAANGINFLHENHHIHRDIKSAN
ILLDEAFTAKISDFGLARASEKFAQ(TPO)VM(TPO)(SEP)RIVGTTAYMAPEALRGEITPKSDIYSFGVVLLEIITGL
PAVDEHREPQLLLDIKEEIEDEEKTIEDYIDKKMNDADSTSVEAMYSVASQCLHEKKNKRPDIKKVQQLLQEMTAS
;
_entity_poly.pdbx_strand_id   A,B
#
loop_
_chem_comp.id
_chem_comp.type
_chem_comp.name
_chem_comp.formula
A1BW0 non-polymer (6P)-6-[(8R)-3-cyanopyrrolo[1,2-b]pyridazin-7-yl]-N-[(2R)-2-fluoro-3-hydroxy-3-methylbutyl]-4-(methylamino)pyridine-3-carboxamide 'C20 H21 F N6 O2'
DMS non-polymer 'DIMETHYL SULFOXIDE' 'C2 H6 O S'
#
# COMPACT_ATOMS: atom_id res chain seq x y z
N ARG A 8 -10.77 10.96 -0.93
CA ARG A 8 -10.95 12.36 -0.61
C ARG A 8 -10.62 12.64 0.85
N PHE A 9 -10.70 13.92 1.20
CA PHE A 9 -10.04 14.50 2.35
C PHE A 9 -11.08 15.06 3.31
N HIS A 10 -10.66 15.42 4.53
CA HIS A 10 -11.56 16.13 5.43
C HIS A 10 -11.03 17.54 5.69
N SER A 11 -11.97 18.48 5.85
CA SER A 11 -11.67 19.88 6.11
C SER A 11 -11.85 20.20 7.60
N PHE A 12 -10.77 20.08 8.38
CA PHE A 12 -10.80 20.48 9.78
C PHE A 12 -10.72 22.01 9.91
N SER A 13 -11.32 22.55 10.98
CA SER A 13 -10.96 23.90 11.43
C SER A 13 -9.89 23.78 12.52
N PHE A 14 -9.22 24.89 12.79
CA PHE A 14 -8.31 24.94 13.93
C PHE A 14 -8.85 24.20 15.16
N TYR A 15 -9.97 24.67 15.73
CA TYR A 15 -10.32 24.34 17.11
C TYR A 15 -10.15 22.86 17.37
N GLU A 16 -10.42 22.02 16.37
CA GLU A 16 -10.05 20.62 16.51
C GLU A 16 -8.52 20.50 16.59
N LEU A 17 -7.81 21.02 15.58
CA LEU A 17 -6.38 20.76 15.49
C LEU A 17 -5.63 21.43 16.64
N LYS A 18 -5.84 22.73 16.84
CA LYS A 18 -5.30 23.42 18.01
C LYS A 18 -5.56 22.63 19.29
N ASN A 19 -6.82 22.28 19.53
CA ASN A 19 -7.13 21.70 20.82
C ASN A 19 -6.60 20.25 20.97
N VAL A 20 -6.49 19.46 19.90
CA VAL A 20 -5.94 18.12 20.07
C VAL A 20 -4.41 18.04 20.05
N THR A 21 -3.74 19.16 19.79
CA THR A 21 -2.28 19.20 19.91
C THR A 21 -1.86 19.94 21.16
N ASN A 22 -2.74 20.01 22.16
CA ASN A 22 -2.44 20.79 23.36
C ASN A 22 -2.13 22.24 23.01
N ASN A 23 -2.99 22.82 22.16
CA ASN A 23 -2.85 24.18 21.65
C ASN A 23 -1.46 24.35 20.99
N PHE A 24 -1.17 23.48 20.04
CA PHE A 24 0.11 23.46 19.31
C PHE A 24 1.29 23.63 20.25
N ASP A 25 1.40 22.70 21.20
CA ASP A 25 2.45 22.77 22.21
C ASP A 25 3.78 22.44 21.56
N GLU A 26 4.59 23.47 21.35
CA GLU A 26 5.83 23.39 20.56
C GLU A 26 6.99 22.74 21.31
N ARG A 27 6.80 22.34 22.57
CA ARG A 27 7.88 21.67 23.24
C ARG A 27 8.00 20.23 22.72
N PRO A 28 9.23 19.71 22.65
CA PRO A 28 9.42 18.36 22.10
C PRO A 28 8.64 17.32 22.90
N ILE A 29 8.14 16.30 22.19
CA ILE A 29 7.43 15.20 22.83
C ILE A 29 8.17 14.80 24.09
N SER A 30 9.49 14.60 23.97
CA SER A 30 10.31 14.00 25.01
C SER A 30 10.34 14.79 26.31
N VAL A 31 9.94 16.07 26.28
CA VAL A 31 9.90 16.88 27.49
C VAL A 31 8.47 17.31 27.83
N GLY A 32 7.47 16.62 27.28
CA GLY A 32 6.09 16.85 27.64
C GLY A 32 5.28 17.76 26.73
N GLY A 33 5.82 18.15 25.57
CA GLY A 33 5.07 18.88 24.58
C GLY A 33 4.53 17.96 23.50
N ASN A 34 4.18 18.55 22.36
CA ASN A 34 3.63 17.79 21.24
C ASN A 34 4.48 17.88 19.97
N LYS A 35 5.68 18.46 20.05
CA LYS A 35 6.50 18.63 18.82
C LYS A 35 7.21 17.32 18.51
N MET A 36 7.08 16.86 17.27
CA MET A 36 7.70 15.58 16.86
C MET A 36 8.84 15.86 15.90
N GLY A 37 8.82 17.03 15.27
CA GLY A 37 9.88 17.41 14.33
C GLY A 37 9.62 18.77 13.76
N GLU A 38 10.55 19.27 12.95
CA GLU A 38 10.36 20.57 12.33
C GLU A 38 11.29 20.69 11.12
N GLY A 39 10.89 21.53 10.18
CA GLY A 39 11.66 21.77 8.98
C GLY A 39 11.52 23.23 8.61
N GLY A 40 12.01 23.60 7.42
CA GLY A 40 11.97 24.99 7.03
C GLY A 40 10.57 25.50 6.78
N PHE A 41 9.60 24.60 6.60
CA PHE A 41 8.27 25.01 6.21
C PHE A 41 7.24 24.84 7.31
N GLY A 42 7.63 24.34 8.47
CA GLY A 42 6.65 24.23 9.54
C GLY A 42 7.13 23.28 10.63
N VAL A 43 6.22 23.04 11.56
CA VAL A 43 6.46 22.18 12.72
C VAL A 43 5.42 21.06 12.67
N VAL A 44 5.86 19.84 13.00
CA VAL A 44 4.97 18.68 13.00
C VAL A 44 4.63 18.37 14.45
N TYR A 45 3.34 18.22 14.74
CA TYR A 45 2.81 18.01 16.09
C TYR A 45 2.05 16.69 16.18
N LYS A 46 2.14 16.07 17.34
CA LYS A 46 1.34 14.90 17.62
C LYS A 46 -0.06 15.32 18.06
N GLY A 47 -1.07 14.66 17.50
CA GLY A 47 -2.44 14.93 17.86
C GLY A 47 -3.27 13.66 17.82
N TYR A 48 -4.53 13.77 18.19
CA TYR A 48 -5.45 12.64 18.21
C TYR A 48 -6.76 13.11 17.62
N VAL A 49 -7.27 12.38 16.66
CA VAL A 49 -8.52 12.73 16.04
C VAL A 49 -9.42 11.51 16.18
N ASN A 50 -10.51 11.63 16.93
CA ASN A 50 -11.36 10.46 17.18
C ASN A 50 -10.63 9.37 17.94
N ASN A 51 -10.29 8.28 17.25
CA ASN A 51 -9.50 7.18 17.81
C ASN A 51 -8.14 7.00 17.12
N THR A 52 -7.71 7.98 16.34
CA THR A 52 -6.56 7.85 15.45
C THR A 52 -5.48 8.82 15.93
N THR A 53 -4.27 8.33 16.13
CA THR A 53 -3.16 9.25 16.35
C THR A 53 -2.76 9.89 15.02
N VAL A 54 -2.56 11.21 15.02
CA VAL A 54 -2.24 11.88 13.77
C VAL A 54 -0.99 12.72 13.94
N ALA A 55 -0.34 13.01 12.82
CA ALA A 55 0.69 14.04 12.76
C ALA A 55 0.07 15.27 12.12
N VAL A 56 0.22 16.42 12.76
CA VAL A 56 -0.33 17.68 12.26
C VAL A 56 0.83 18.61 11.92
N LYS A 57 0.96 18.95 10.65
CA LYS A 57 1.99 19.89 10.20
C LYS A 57 1.34 21.27 10.08
N LYS A 58 1.79 22.21 10.91
CA LYS A 58 1.34 23.60 10.83
C LYS A 58 2.39 24.39 10.07
N LEU A 59 2.01 24.98 8.94
CA LEU A 59 3.00 25.61 8.08
C LEU A 59 3.51 26.90 8.71
N ALA A 60 4.77 27.25 8.40
CA ALA A 60 5.38 28.48 8.87
C ALA A 60 6.68 28.74 8.14
N ALA A 61 6.96 30.02 7.85
CA ALA A 61 8.23 30.42 7.21
C ALA A 61 9.35 30.31 8.25
N MET A 62 9.86 29.09 8.43
CA MET A 62 11.01 28.89 9.30
C MET A 62 12.30 29.28 8.59
N VAL A 63 12.29 29.25 7.26
CA VAL A 63 13.34 29.87 6.47
C VAL A 63 12.72 31.07 5.79
N ASP A 64 13.52 31.75 4.95
CA ASP A 64 13.06 32.91 4.21
C ASP A 64 12.22 32.44 3.03
N ILE A 65 10.89 32.50 3.16
CA ILE A 65 10.02 32.36 1.99
C ILE A 65 8.74 33.15 2.21
N THR A 66 8.04 33.40 1.11
CA THR A 66 6.82 34.19 1.11
C THR A 66 5.62 33.40 1.61
N THR A 67 4.68 34.15 2.21
CA THR A 67 3.35 33.61 2.46
C THR A 67 2.76 33.00 1.20
N GLU A 68 2.82 33.73 0.08
CA GLU A 68 2.34 33.20 -1.18
C GLU A 68 3.02 31.87 -1.52
N GLU A 69 4.33 31.78 -1.30
CA GLU A 69 5.03 30.53 -1.57
C GLU A 69 4.57 29.43 -0.64
N LEU A 70 4.40 29.72 0.64
CA LEU A 70 3.84 28.73 1.54
C LEU A 70 2.50 28.23 1.05
N LYS A 71 1.62 29.16 0.63
CA LYS A 71 0.30 28.75 0.18
C LYS A 71 0.39 27.88 -1.07
N GLN A 72 1.23 28.26 -2.03
CA GLN A 72 1.39 27.41 -3.21
C GLN A 72 1.90 26.02 -2.82
N GLN A 73 2.80 25.95 -1.85
CA GLN A 73 3.31 24.64 -1.42
C GLN A 73 2.19 23.81 -0.79
N PHE A 74 1.42 24.41 0.10
CA PHE A 74 0.22 23.79 0.65
C PHE A 74 -0.66 23.22 -0.47
N ASP A 75 -0.90 24.01 -1.53
CA ASP A 75 -1.79 23.53 -2.58
C ASP A 75 -1.15 22.41 -3.38
N GLN A 76 0.16 22.48 -3.61
CA GLN A 76 0.86 21.39 -4.27
C GLN A 76 0.70 20.08 -3.51
N GLU A 77 0.94 20.12 -2.21
CA GLU A 77 0.86 18.91 -1.39
C GLU A 77 -0.51 18.25 -1.53
N ILE A 78 -1.57 19.02 -1.34
CA ILE A 78 -2.91 18.47 -1.52
C ILE A 78 -3.06 17.88 -2.90
N LYS A 79 -2.74 18.66 -3.95
CA LYS A 79 -2.85 18.19 -5.33
C LYS A 79 -2.11 16.87 -5.54
N VAL A 80 -0.88 16.79 -5.06
CA VAL A 80 -0.10 15.57 -5.25
C VAL A 80 -0.73 14.42 -4.48
N MET A 81 -1.07 14.67 -3.20
CA MET A 81 -1.65 13.61 -2.39
C MET A 81 -3.02 13.18 -2.91
N ALA A 82 -3.81 14.10 -3.45
CA ALA A 82 -5.08 13.70 -4.01
C ALA A 82 -4.90 12.71 -5.14
N LYS A 83 -3.78 12.78 -5.87
CA LYS A 83 -3.59 11.90 -7.02
C LYS A 83 -2.78 10.65 -6.72
N CYS A 84 -2.04 10.61 -5.62
CA CYS A 84 -1.03 9.59 -5.40
C CYS A 84 -1.32 8.88 -4.08
N GLN A 85 -1.87 7.68 -4.13
CA GLN A 85 -2.01 6.83 -2.96
C GLN A 85 -1.15 5.59 -3.15
N HIS A 86 -0.33 5.29 -2.15
CA HIS A 86 0.63 4.21 -2.30
C HIS A 86 1.17 3.91 -0.92
N GLU A 87 1.50 2.64 -0.67
CA GLU A 87 1.94 2.25 0.67
C GLU A 87 3.29 2.83 1.05
N ASN A 88 4.09 3.30 0.09
CA ASN A 88 5.37 3.90 0.42
C ASN A 88 5.33 5.42 0.32
N LEU A 89 4.13 6.00 0.39
CA LEU A 89 3.94 7.44 0.57
C LEU A 89 3.16 7.64 1.86
N VAL A 90 3.39 8.76 2.55
CA VAL A 90 2.52 9.04 3.71
C VAL A 90 1.08 9.26 3.25
N GLU A 91 0.17 9.21 4.20
CA GLU A 91 -1.26 9.31 3.91
C GLU A 91 -1.80 10.61 4.50
N LEU A 92 -2.23 11.52 3.63
CA LEU A 92 -2.87 12.76 4.05
C LEU A 92 -4.32 12.50 4.37
N LEU A 93 -4.73 12.78 5.61
CA LEU A 93 -6.13 12.64 5.98
C LEU A 93 -6.94 13.89 5.66
N GLY A 94 -6.33 15.06 5.74
CA GLY A 94 -7.07 16.30 5.54
C GLY A 94 -6.22 17.49 5.89
N PHE A 95 -6.88 18.64 6.01
CA PHE A 95 -6.15 19.89 6.13
C PHE A 95 -7.06 20.94 6.76
N SER A 96 -6.45 22.06 7.15
CA SER A 96 -7.19 23.26 7.54
C SER A 96 -6.57 24.46 6.85
N SER A 97 -7.41 25.23 6.18
CA SER A 97 -7.03 26.52 5.61
C SER A 97 -7.71 27.66 6.34
N ASP A 98 -8.53 27.32 7.32
CA ASP A 98 -9.29 28.25 8.15
C ASP A 98 -8.40 29.38 8.67
N GLY A 99 -8.58 30.59 8.12
CA GLY A 99 -7.83 31.73 8.60
C GLY A 99 -6.43 31.84 8.00
N ASP A 100 -5.51 32.38 8.81
CA ASP A 100 -4.15 32.68 8.35
C ASP A 100 -3.15 31.64 8.82
N ASP A 101 -3.55 30.37 8.89
CA ASP A 101 -2.65 29.30 9.31
C ASP A 101 -3.06 28.01 8.64
N LEU A 102 -2.12 27.38 7.95
CA LEU A 102 -2.37 26.21 7.13
C LEU A 102 -1.91 24.96 7.85
N CYS A 103 -2.77 23.93 7.90
CA CYS A 103 -2.43 22.66 8.53
C CYS A 103 -2.73 21.48 7.63
N LEU A 104 -1.85 20.48 7.70
CA LEU A 104 -1.97 19.24 6.95
C LEU A 104 -1.96 18.11 7.97
N VAL A 105 -2.89 17.18 7.84
CA VAL A 105 -3.07 16.15 8.86
C VAL A 105 -2.81 14.79 8.23
N TYR A 106 -1.92 14.00 8.82
CA TYR A 106 -1.47 12.73 8.31
C TYR A 106 -1.69 11.63 9.34
N VAL A 107 -1.72 10.38 8.86
CA VAL A 107 -1.62 9.26 9.77
C VAL A 107 -0.27 9.31 10.46
N TYR A 108 -0.28 9.18 11.78
CA TYR A 108 0.91 9.22 12.60
C TYR A 108 1.83 8.05 12.27
N MET A 109 3.15 8.31 12.23
CA MET A 109 4.09 7.25 11.91
C MET A 109 4.82 6.81 13.19
N PRO A 110 4.57 5.61 13.72
CA PRO A 110 5.09 5.26 15.06
C PRO A 110 6.62 5.12 15.13
N ASN A 111 7.34 4.95 14.02
CA ASN A 111 8.79 4.99 14.13
C ASN A 111 9.41 6.26 13.56
N GLY A 112 8.62 7.30 13.31
CA GLY A 112 9.28 8.58 13.02
C GLY A 112 10.10 8.61 11.72
N SER A 113 11.15 9.42 11.71
CA SER A 113 11.91 9.58 10.48
C SER A 113 13.09 8.62 10.44
N LEU A 114 13.50 8.28 9.21
CA LEU A 114 14.70 7.47 9.03
C LEU A 114 15.93 8.17 9.57
N LEU A 115 16.00 9.49 9.40
CA LEU A 115 17.12 10.23 9.99
C LEU A 115 17.21 9.98 11.50
N ASP A 116 16.08 10.09 12.20
CA ASP A 116 16.13 9.90 13.64
C ASP A 116 16.40 8.44 14.03
N ARG A 117 15.91 7.47 13.25
CA ARG A 117 16.20 6.09 13.63
C ARG A 117 17.65 5.73 13.31
N LEU A 118 18.21 6.26 12.23
CA LEU A 118 19.65 6.04 11.99
C LEU A 118 20.51 6.70 13.07
N SER A 119 20.04 7.79 13.66
CA SER A 119 20.71 8.41 14.79
C SER A 119 20.42 7.73 16.11
N CYS A 120 19.48 6.78 16.17
CA CYS A 120 18.97 6.27 17.45
C CYS A 120 18.48 7.39 18.36
N LEU A 121 17.93 8.45 17.78
CA LEU A 121 17.39 9.53 18.61
C LEU A 121 16.40 9.00 19.66
N ASP A 122 16.50 9.53 20.88
CA ASP A 122 15.64 9.20 22.02
C ASP A 122 15.84 7.79 22.56
N GLY A 123 16.86 7.07 22.11
CA GLY A 123 17.15 5.78 22.68
C GLY A 123 16.58 4.61 21.92
N THR A 124 16.06 4.81 20.69
CA THR A 124 15.49 3.69 19.97
C THR A 124 16.61 2.73 19.53
N PRO A 125 16.32 1.44 19.39
CA PRO A 125 17.38 0.47 19.02
C PRO A 125 17.85 0.65 17.58
N PRO A 126 19.15 0.47 17.31
CA PRO A 126 19.64 0.57 15.92
C PRO A 126 18.85 -0.32 14.98
N LEU A 127 18.72 0.12 13.75
CA LEU A 127 18.02 -0.64 12.73
C LEU A 127 18.94 -1.78 12.30
N SER A 128 18.40 -3.00 12.20
CA SER A 128 19.15 -4.12 11.68
C SER A 128 19.43 -3.92 10.18
N TRP A 129 20.40 -4.68 9.67
CA TRP A 129 20.63 -4.64 8.23
C TRP A 129 19.38 -5.13 7.47
N HIS A 130 18.69 -6.14 8.02
CA HIS A 130 17.49 -6.63 7.34
C HIS A 130 16.46 -5.52 7.21
N MET A 131 16.27 -4.70 8.26
CA MET A 131 15.28 -3.63 8.13
C MET A 131 15.79 -2.52 7.21
N ARG A 132 17.09 -2.24 7.23
CA ARG A 132 17.62 -1.21 6.33
C ARG A 132 17.39 -1.59 4.87
N CYS A 133 17.51 -2.88 4.54
CA CYS A 133 17.23 -3.31 3.16
C CYS A 133 15.75 -3.11 2.85
N LYS A 134 14.86 -3.47 3.78
CA LYS A 134 13.44 -3.26 3.54
C LYS A 134 13.13 -1.78 3.36
N ILE A 135 13.76 -0.92 4.16
CA ILE A 135 13.55 0.51 4.03
C ILE A 135 14.04 1.03 2.68
N ALA A 136 15.21 0.57 2.23
CA ALA A 136 15.72 1.07 0.94
C ALA A 136 14.80 0.70 -0.20
N GLN A 137 14.38 -0.58 -0.26
CA GLN A 137 13.47 -1.05 -1.29
C GLN A 137 12.17 -0.25 -1.26
N GLY A 138 11.63 -0.01 -0.06
CA GLY A 138 10.37 0.71 0.06
C GLY A 138 10.48 2.15 -0.45
N ALA A 139 11.54 2.87 -0.03
CA ALA A 139 11.69 4.24 -0.47
C ALA A 139 11.81 4.31 -2.00
N ALA A 140 12.56 3.38 -2.58
CA ALA A 140 12.68 3.34 -4.03
C ALA A 140 11.33 3.04 -4.68
N ASN A 141 10.54 2.15 -4.07
CA ASN A 141 9.24 1.87 -4.65
C ASN A 141 8.40 3.13 -4.65
N GLY A 142 8.52 3.92 -3.59
CA GLY A 142 7.73 5.14 -3.51
C GLY A 142 8.17 6.16 -4.53
N ILE A 143 9.49 6.39 -4.65
CA ILE A 143 10.00 7.29 -5.67
C ILE A 143 9.58 6.80 -7.05
N ASN A 144 9.65 5.49 -7.28
CA ASN A 144 9.24 4.97 -8.58
C ASN A 144 7.79 5.34 -8.87
N PHE A 145 6.95 5.31 -7.83
CA PHE A 145 5.54 5.59 -8.04
C PHE A 145 5.34 7.05 -8.39
N LEU A 146 6.12 7.93 -7.76
CA LEU A 146 6.01 9.35 -8.06
C LEU A 146 6.45 9.64 -9.49
N HIS A 147 7.57 9.07 -9.91
CA HIS A 147 8.07 9.35 -11.25
C HIS A 147 7.13 8.76 -12.31
N GLU A 148 6.57 7.57 -12.05
CA GLU A 148 5.62 7.01 -13.02
C GLU A 148 4.37 7.88 -13.12
N ASN A 149 4.02 8.58 -12.06
CA ASN A 149 2.94 9.55 -12.18
C ASN A 149 3.44 10.93 -12.57
N HIS A 150 4.68 11.02 -13.08
CA HIS A 150 5.25 12.26 -13.63
C HIS A 150 5.38 13.37 -12.58
N HIS A 151 5.82 13.00 -11.38
CA HIS A 151 6.11 13.98 -10.34
C HIS A 151 7.58 13.90 -9.97
N ILE A 152 8.24 15.04 -9.89
CA ILE A 152 9.58 15.12 -9.33
C ILE A 152 9.45 15.61 -7.91
N HIS A 153 10.12 14.93 -6.98
CA HIS A 153 9.95 15.24 -5.58
C HIS A 153 10.72 16.50 -5.19
N ARG A 154 12.01 16.53 -5.50
CA ARG A 154 12.91 17.67 -5.33
C ARG A 154 13.38 17.85 -3.89
N ASP A 155 12.96 17.01 -2.95
CA ASP A 155 13.41 17.19 -1.56
C ASP A 155 13.68 15.86 -0.89
N ILE A 156 14.27 14.91 -1.63
CA ILE A 156 14.49 13.56 -1.12
C ILE A 156 15.64 13.59 -0.10
N LYS A 157 15.36 13.13 1.12
CA LYS A 157 16.37 13.06 2.19
C LYS A 157 15.84 12.18 3.30
N SER A 158 16.75 11.78 4.20
CA SER A 158 16.34 10.83 5.24
C SER A 158 15.32 11.44 6.18
N ALA A 159 15.37 12.76 6.39
CA ALA A 159 14.35 13.36 7.26
C ALA A 159 12.94 13.24 6.68
N ASN A 160 12.80 13.07 5.36
CA ASN A 160 11.50 13.01 4.69
C ASN A 160 11.07 11.57 4.38
N ILE A 161 11.77 10.59 4.95
CA ILE A 161 11.39 9.19 4.81
C ILE A 161 10.89 8.72 6.17
N LEU A 162 9.58 8.49 6.32
CA LEU A 162 9.04 8.13 7.62
C LEU A 162 8.86 6.61 7.68
N LEU A 163 8.64 6.10 8.91
CA LEU A 163 8.64 4.65 9.16
C LEU A 163 7.45 4.28 10.03
N ASP A 164 6.63 3.32 9.57
CA ASP A 164 5.50 2.86 10.35
C ASP A 164 5.98 1.77 11.32
N GLU A 165 5.04 1.12 12.04
CA GLU A 165 5.39 0.18 13.11
C GLU A 165 6.12 -1.04 12.58
N ALA A 166 5.94 -1.38 11.30
CA ALA A 166 6.70 -2.45 10.68
C ALA A 166 7.90 -1.92 9.87
N PHE A 167 8.27 -0.67 10.06
CA PHE A 167 9.40 -0.10 9.34
C PHE A 167 9.16 -0.10 7.83
N THR A 168 7.90 -0.03 7.41
CA THR A 168 7.63 0.31 6.03
C THR A 168 7.98 1.78 5.76
N ALA A 169 8.77 2.03 4.71
CA ALA A 169 9.28 3.37 4.42
C ALA A 169 8.20 4.20 3.71
N LYS A 170 7.98 5.42 4.16
CA LYS A 170 6.98 6.29 3.52
C LYS A 170 7.57 7.64 3.16
N ILE A 171 7.62 7.94 1.87
CA ILE A 171 8.07 9.26 1.42
C ILE A 171 7.06 10.32 1.83
N SER A 172 7.56 11.45 2.35
CA SER A 172 6.73 12.58 2.72
C SER A 172 7.27 13.88 2.12
N ASP A 173 6.50 14.96 2.30
CA ASP A 173 6.87 16.35 1.99
C ASP A 173 6.80 16.63 0.51
N PHE A 174 5.62 16.93 -0.03
CA PHE A 174 5.44 17.07 -1.46
C PHE A 174 5.20 18.51 -1.89
N GLY A 175 5.40 19.48 -1.00
CA GLY A 175 5.08 20.86 -1.35
C GLY A 175 5.98 21.44 -2.43
N LEU A 176 7.17 20.84 -2.65
CA LEU A 176 8.11 21.31 -3.66
C LEU A 176 8.03 20.51 -4.96
N ALA A 177 7.14 19.53 -5.03
CA ALA A 177 7.04 18.66 -6.19
C ALA A 177 6.65 19.43 -7.44
N ARG A 178 7.06 18.90 -8.59
CA ARG A 178 6.83 19.48 -9.92
C ARG A 178 6.49 18.37 -10.90
N ALA A 179 5.61 18.69 -11.84
CA ALA A 179 5.32 17.80 -12.96
C ALA A 179 6.54 17.66 -13.88
N SER A 180 6.83 16.43 -14.30
CA SER A 180 7.88 16.11 -15.26
C SER A 180 7.27 15.78 -16.62
N GLU A 181 8.12 15.81 -17.65
CA GLU A 181 7.65 15.60 -19.02
C GLU A 181 8.68 14.89 -19.87
N ALA A 184 10.07 16.01 -22.50
CA ALA A 184 10.48 17.05 -23.43
C ALA A 184 11.93 17.49 -23.16
N GLN A 185 12.16 18.12 -22.02
CA GLN A 185 13.50 18.59 -21.67
C GLN A 185 13.51 19.16 -20.25
N TPO A 186 14.68 19.14 -19.62
CA TPO A 186 14.89 19.71 -18.29
CB TPO A 186 16.30 19.38 -17.80
CG2 TPO A 186 16.64 20.22 -16.56
OG1 TPO A 186 16.39 17.97 -17.50
P TPO A 186 17.54 17.23 -18.36
O1P TPO A 186 18.89 17.69 -17.91
O2P TPO A 186 17.43 15.64 -18.09
O3P TPO A 186 17.39 17.52 -19.94
C TPO A 186 14.65 21.23 -18.28
O TPO A 186 14.92 21.92 -19.26
N VAL A 187 14.15 21.73 -17.16
CA VAL A 187 13.70 23.12 -17.04
C VAL A 187 14.52 23.81 -15.96
N MET A 188 14.57 25.13 -15.95
CA MET A 188 15.28 25.85 -14.90
C MET A 188 14.40 26.81 -14.14
N TPO A 189 14.74 27.02 -12.87
CA TPO A 189 14.03 27.95 -12.00
CB TPO A 189 13.19 27.19 -10.91
CG2 TPO A 189 14.07 26.24 -10.10
OG1 TPO A 189 12.71 28.16 -9.97
P TPO A 189 11.12 28.36 -10.02
O1P TPO A 189 10.48 27.70 -8.85
O2P TPO A 189 10.45 27.76 -11.34
O3P TPO A 189 10.87 29.95 -9.87
C TPO A 189 15.03 28.88 -11.33
O TPO A 189 16.16 28.49 -11.08
N SEP A 190 14.60 30.09 -11.00
CA SEP A 190 15.46 31.00 -10.23
CB SEP A 190 15.04 32.47 -10.48
OG SEP A 190 13.83 32.81 -9.83
C SEP A 190 15.43 30.69 -8.73
O SEP A 190 16.32 31.13 -8.00
P SEP A 190 12.63 33.01 -10.90
O1P SEP A 190 13.15 33.97 -12.10
O2P SEP A 190 12.24 31.55 -11.45
O3P SEP A 190 11.34 33.66 -10.17
N ARG A 191 14.44 29.94 -8.26
CA ARG A 191 14.33 29.59 -6.83
C ARG A 191 14.97 28.25 -6.56
N ILE A 192 16.09 28.24 -5.87
CA ILE A 192 16.80 27.00 -5.59
C ILE A 192 16.36 26.50 -4.23
N VAL A 193 15.83 25.28 -4.20
CA VAL A 193 15.27 24.68 -3.00
C VAL A 193 15.89 23.31 -2.78
N GLY A 194 15.86 22.87 -1.52
CA GLY A 194 16.39 21.59 -1.11
C GLY A 194 17.39 21.74 0.02
N THR A 195 17.98 20.61 0.41
CA THR A 195 19.02 20.58 1.42
C THR A 195 20.35 20.26 0.73
N THR A 196 21.33 21.17 0.87
CA THR A 196 22.47 21.14 -0.05
C THR A 196 23.23 19.83 0.06
N ALA A 197 23.35 19.27 1.26
CA ALA A 197 24.12 18.04 1.37
C ALA A 197 23.51 16.88 0.61
N TYR A 198 22.28 17.00 0.14
CA TYR A 198 21.65 15.90 -0.57
C TYR A 198 21.53 16.15 -2.06
N MET A 199 21.94 17.32 -2.54
CA MET A 199 21.40 17.80 -3.81
C MET A 199 22.34 17.45 -4.96
N ALA A 200 21.78 17.18 -6.11
CA ALA A 200 22.63 16.88 -7.24
C ALA A 200 23.26 18.16 -7.79
N PRO A 201 24.35 18.05 -8.54
CA PRO A 201 24.95 19.24 -9.12
C PRO A 201 23.93 20.12 -9.83
N GLU A 202 23.20 19.54 -10.79
CA GLU A 202 22.31 20.33 -11.64
C GLU A 202 21.19 20.97 -10.82
N ALA A 203 20.74 20.32 -9.74
CA ALA A 203 19.69 20.91 -8.92
C ALA A 203 20.21 22.11 -8.15
N LEU A 204 21.46 22.06 -7.72
CA LEU A 204 22.08 23.25 -7.11
C LEU A 204 22.09 24.42 -8.09
N ARG A 205 22.12 24.13 -9.38
CA ARG A 205 22.15 25.16 -10.39
C ARG A 205 20.76 25.55 -10.89
N GLY A 206 19.70 25.06 -10.26
CA GLY A 206 18.37 25.46 -10.67
C GLY A 206 17.70 24.61 -11.74
N GLU A 207 18.33 23.53 -12.18
CA GLU A 207 17.70 22.59 -13.09
C GLU A 207 16.69 21.72 -12.35
N ILE A 208 15.50 21.57 -12.90
CA ILE A 208 14.47 20.68 -12.37
C ILE A 208 14.44 19.43 -13.24
N THR A 209 14.79 18.28 -12.66
CA THR A 209 14.80 17.03 -13.41
C THR A 209 14.69 15.85 -12.47
N PRO A 210 13.97 14.78 -12.86
CA PRO A 210 13.83 13.62 -11.97
C PRO A 210 15.14 12.96 -11.67
N LYS A 211 16.16 13.15 -12.53
CA LYS A 211 17.46 12.58 -12.27
C LYS A 211 18.03 13.07 -10.95
N SER A 212 17.62 14.27 -10.52
CA SER A 212 18.11 14.77 -9.24
C SER A 212 17.57 13.96 -8.06
N ASP A 213 16.30 13.49 -8.14
CA ASP A 213 15.76 12.59 -7.11
C ASP A 213 16.64 11.37 -6.91
N ILE A 214 17.18 10.82 -8.02
CA ILE A 214 18.03 9.64 -7.94
C ILE A 214 19.29 9.92 -7.13
N TYR A 215 19.99 10.99 -7.50
CA TYR A 215 21.20 11.39 -6.79
C TYR A 215 20.94 11.53 -5.30
N SER A 216 19.89 12.27 -4.94
CA SER A 216 19.55 12.41 -3.54
C SER A 216 19.30 11.03 -2.90
N PHE A 217 18.67 10.12 -3.62
CA PHE A 217 18.44 8.79 -3.05
C PHE A 217 19.75 8.07 -2.81
N GLY A 218 20.73 8.29 -3.69
CA GLY A 218 22.07 7.76 -3.47
C GLY A 218 22.65 8.20 -2.13
N VAL A 219 22.49 9.48 -1.80
CA VAL A 219 22.99 9.93 -0.50
C VAL A 219 22.26 9.20 0.64
N VAL A 220 20.93 9.09 0.55
CA VAL A 220 20.16 8.36 1.57
C VAL A 220 20.71 6.94 1.71
N LEU A 221 21.04 6.29 0.61
CA LEU A 221 21.59 4.94 0.71
C LEU A 221 22.91 4.92 1.47
N LEU A 222 23.80 5.89 1.22
CA LEU A 222 25.02 5.98 2.02
C LEU A 222 24.74 6.18 3.51
N GLU A 223 23.72 7.01 3.84
CA GLU A 223 23.31 7.14 5.23
C GLU A 223 22.88 5.79 5.80
N ILE A 224 22.09 5.05 5.04
CA ILE A 224 21.64 3.75 5.49
C ILE A 224 22.83 2.82 5.75
N ILE A 225 23.82 2.81 4.85
CA ILE A 225 24.93 1.86 4.98
C ILE A 225 25.84 2.23 6.18
N THR A 226 26.09 3.51 6.37
CA THR A 226 27.09 3.99 7.31
C THR A 226 26.52 4.47 8.63
N GLY A 227 25.24 4.81 8.69
CA GLY A 227 24.70 5.53 9.83
C GLY A 227 25.28 6.90 10.06
N LEU A 228 25.98 7.49 9.04
CA LEU A 228 26.54 8.82 9.28
C LEU A 228 25.61 9.91 8.76
N PRO A 229 25.62 11.10 9.36
CA PRO A 229 24.83 12.22 8.80
C PRO A 229 25.37 12.69 7.45
N ALA A 230 24.45 13.16 6.63
CA ALA A 230 24.75 13.65 5.29
C ALA A 230 25.79 14.77 5.33
N VAL A 231 25.76 15.60 6.36
CA VAL A 231 26.78 16.62 6.56
C VAL A 231 27.05 16.73 8.06
N ASP A 232 28.31 17.00 8.41
CA ASP A 232 28.70 17.16 9.80
C ASP A 232 29.94 18.04 9.80
N GLU A 233 29.86 19.20 10.44
CA GLU A 233 30.98 20.13 10.45
C GLU A 233 32.14 19.54 11.25
N HIS A 234 31.85 18.99 12.43
CA HIS A 234 32.83 18.40 13.32
C HIS A 234 33.28 17.03 12.84
N ARG A 235 33.14 16.75 11.55
CA ARG A 235 33.60 15.52 10.94
C ARG A 235 34.47 15.83 9.74
N GLU A 236 35.33 14.87 9.38
CA GLU A 236 36.11 14.97 8.16
C GLU A 236 36.01 13.64 7.45
N PRO A 237 35.57 13.60 6.18
CA PRO A 237 35.04 14.75 5.43
C PRO A 237 33.76 15.25 6.04
N GLN A 238 33.36 16.50 5.76
CA GLN A 238 32.13 17.04 6.32
C GLN A 238 30.90 16.56 5.55
N LEU A 239 31.07 16.13 4.32
CA LEU A 239 29.98 15.70 3.45
C LEU A 239 30.07 14.22 3.18
N LEU A 240 28.95 13.54 3.43
CA LEU A 240 28.92 12.09 3.27
C LEU A 240 29.23 11.69 1.83
N LEU A 241 28.66 12.42 0.85
CA LEU A 241 28.83 12.02 -0.55
C LEU A 241 30.29 12.04 -0.96
N ASP A 242 31.15 12.73 -0.22
CA ASP A 242 32.56 12.66 -0.55
C ASP A 242 33.19 11.32 -0.19
N ILE A 243 32.50 10.44 0.54
CA ILE A 243 33.00 9.11 0.83
C ILE A 243 33.21 8.31 -0.44
N LYS A 244 32.38 8.53 -1.46
CA LYS A 244 32.54 7.82 -2.72
C LYS A 244 33.89 8.14 -3.36
N GLU A 245 34.30 9.40 -3.32
CA GLU A 245 35.60 9.76 -3.87
C GLU A 245 36.75 9.11 -3.09
N GLU A 246 36.62 8.97 -1.77
CA GLU A 246 37.72 8.36 -1.02
C GLU A 246 37.78 6.86 -1.19
N ILE A 247 36.65 6.22 -1.48
CA ILE A 247 36.67 4.80 -1.79
C ILE A 247 37.13 4.58 -3.23
N GLU A 248 36.69 5.45 -4.15
CA GLU A 248 37.09 5.34 -5.55
C GLU A 248 38.58 5.57 -5.72
N ASP A 249 39.19 6.43 -4.90
CA ASP A 249 40.62 6.66 -4.97
C ASP A 249 41.41 5.53 -4.31
N GLU A 250 40.76 4.40 -4.03
CA GLU A 250 41.37 3.19 -3.47
C GLU A 250 41.99 3.43 -2.09
N GLU A 251 41.83 4.61 -1.54
CA GLU A 251 42.32 4.84 -0.18
C GLU A 251 41.61 3.91 0.80
N LYS A 252 40.29 3.84 0.71
CA LYS A 252 39.44 3.15 1.67
C LYS A 252 38.47 2.25 0.92
N THR A 253 37.75 1.40 1.65
CA THR A 253 36.69 0.58 1.10
C THR A 253 35.40 0.80 1.88
N ILE A 254 34.27 0.41 1.29
CA ILE A 254 32.99 0.68 1.94
C ILE A 254 32.96 0.02 3.31
N GLU A 255 33.68 -1.09 3.47
CA GLU A 255 33.72 -1.80 4.75
C GLU A 255 34.33 -0.94 5.84
N ASP A 256 35.23 -0.03 5.49
CA ASP A 256 35.77 0.86 6.51
C ASP A 256 34.69 1.75 7.11
N TYR A 257 33.58 1.97 6.39
CA TYR A 257 32.54 2.91 6.79
C TYR A 257 31.23 2.24 7.23
N ILE A 258 31.11 0.91 7.17
CA ILE A 258 29.82 0.29 7.47
C ILE A 258 29.41 0.66 8.90
N ASP A 259 28.12 0.95 9.11
CA ASP A 259 27.62 1.21 10.47
C ASP A 259 27.95 0.02 11.37
N LYS A 260 28.55 0.28 12.54
CA LYS A 260 28.92 -0.78 13.48
C LYS A 260 27.75 -1.22 14.34
N LYS A 261 26.65 -0.49 14.28
CA LYS A 261 25.54 -0.77 15.19
C LYS A 261 24.58 -1.80 14.55
N MET A 262 25.13 -2.93 14.13
CA MET A 262 24.47 -3.92 13.28
C MET A 262 25.23 -5.21 13.50
N ASN A 263 24.52 -6.33 13.55
CA ASN A 263 25.26 -7.59 13.59
C ASN A 263 24.85 -8.55 12.50
N ASP A 264 24.04 -8.11 11.53
CA ASP A 264 23.45 -9.03 10.57
C ASP A 264 23.72 -8.55 9.15
N ALA A 265 24.82 -7.86 8.94
CA ALA A 265 25.13 -7.29 7.63
C ALA A 265 26.29 -8.08 7.03
N ASP A 266 26.03 -8.77 5.92
CA ASP A 266 27.10 -9.46 5.22
C ASP A 266 27.71 -8.55 4.15
N SER A 267 29.01 -8.75 3.93
CA SER A 267 29.77 -7.97 2.96
C SER A 267 29.13 -7.95 1.58
N THR A 268 28.49 -9.03 1.19
CA THR A 268 28.00 -9.13 -0.18
C THR A 268 26.79 -8.23 -0.40
N SER A 269 25.82 -8.25 0.53
CA SER A 269 24.68 -7.36 0.32
C SER A 269 25.07 -5.91 0.53
N VAL A 270 26.02 -5.64 1.43
CA VAL A 270 26.44 -4.27 1.64
C VAL A 270 27.13 -3.74 0.39
N GLU A 271 27.99 -4.55 -0.23
CA GLU A 271 28.65 -4.08 -1.44
C GLU A 271 27.63 -3.89 -2.57
N ALA A 272 26.63 -4.76 -2.64
CA ALA A 272 25.53 -4.59 -3.58
C ALA A 272 24.80 -3.27 -3.35
N MET A 273 24.42 -2.95 -2.10
CA MET A 273 23.80 -1.64 -1.88
C MET A 273 24.74 -0.51 -2.24
N TYR A 274 26.00 -0.63 -1.85
CA TYR A 274 26.94 0.45 -2.13
C TYR A 274 27.05 0.68 -3.63
N SER A 275 27.08 -0.41 -4.38
CA SER A 275 27.18 -0.30 -5.84
C SER A 275 26.00 0.47 -6.41
N VAL A 276 24.79 0.24 -5.89
CA VAL A 276 23.62 1.01 -6.31
C VAL A 276 23.79 2.49 -5.93
N ALA A 277 24.20 2.74 -4.69
CA ALA A 277 24.38 4.13 -4.27
C ALA A 277 25.35 4.85 -5.19
N SER A 278 26.41 4.15 -5.57
CA SER A 278 27.49 4.74 -6.36
C SER A 278 27.00 5.08 -7.76
N GLN A 279 26.18 4.22 -8.35
CA GLN A 279 25.54 4.56 -9.63
C GLN A 279 24.64 5.78 -9.49
N CYS A 280 23.84 5.84 -8.44
CA CYS A 280 22.97 6.99 -8.24
C CYS A 280 23.76 8.28 -8.13
N LEU A 281 24.99 8.20 -7.60
CA LEU A 281 25.75 9.39 -7.25
C LEU A 281 26.64 9.88 -8.39
N HIS A 282 26.47 9.37 -9.60
CA HIS A 282 27.14 9.98 -10.75
C HIS A 282 26.89 11.49 -10.76
N GLU A 283 27.97 12.26 -10.80
CA GLU A 283 27.80 13.70 -10.98
C GLU A 283 27.11 14.02 -12.31
N LYS A 284 27.47 13.31 -13.38
CA LYS A 284 26.80 13.53 -14.65
C LYS A 284 25.39 12.95 -14.61
N LYS A 285 24.40 13.83 -14.75
CA LYS A 285 23.01 13.42 -14.57
C LYS A 285 22.64 12.28 -15.52
N ASN A 286 23.19 12.27 -16.72
CA ASN A 286 22.74 11.32 -17.73
C ASN A 286 23.42 9.96 -17.60
N LYS A 287 24.36 9.82 -16.68
CA LYS A 287 24.97 8.53 -16.41
C LYS A 287 24.29 7.81 -15.25
N ARG A 288 23.20 8.41 -14.65
CA ARG A 288 22.62 7.71 -13.51
C ARG A 288 21.55 6.74 -13.96
N PRO A 289 21.31 5.70 -13.19
CA PRO A 289 20.17 4.82 -13.48
C PRO A 289 18.88 5.59 -13.28
N ASP A 290 17.85 5.24 -14.06
CA ASP A 290 16.52 5.75 -13.74
C ASP A 290 15.95 4.95 -12.57
N ILE A 291 14.81 5.42 -12.03
CA ILE A 291 14.36 4.83 -10.77
C ILE A 291 13.95 3.37 -10.94
N LYS A 292 13.37 3.01 -12.09
CA LYS A 292 13.04 1.63 -12.35
C LYS A 292 14.26 0.73 -12.18
N LYS A 293 15.40 1.14 -12.74
CA LYS A 293 16.64 0.36 -12.62
C LYS A 293 17.08 0.25 -11.17
N VAL A 294 17.03 1.35 -10.44
CA VAL A 294 17.40 1.31 -9.02
C VAL A 294 16.52 0.31 -8.28
N GLN A 295 15.22 0.40 -8.53
CA GLN A 295 14.28 -0.49 -7.88
C GLN A 295 14.64 -1.96 -8.15
N GLN A 296 14.95 -2.29 -9.41
CA GLN A 296 15.31 -3.67 -9.72
C GLN A 296 16.64 -4.06 -9.09
N LEU A 297 17.62 -3.16 -9.08
CA LEU A 297 18.88 -3.49 -8.43
C LEU A 297 18.66 -3.83 -6.96
N LEU A 298 17.81 -3.07 -6.29
CA LEU A 298 17.57 -3.32 -4.86
C LEU A 298 16.81 -4.62 -4.65
N GLN A 299 15.86 -4.95 -5.53
CA GLN A 299 15.13 -6.21 -5.46
C GLN A 299 16.07 -7.41 -5.61
N GLU A 300 16.95 -7.35 -6.62
CA GLU A 300 17.95 -8.40 -6.83
C GLU A 300 18.91 -8.57 -5.65
N MET A 301 18.98 -7.59 -4.75
CA MET A 301 19.99 -7.60 -3.71
C MET A 301 19.63 -8.53 -2.54
N THR A 302 18.35 -8.66 -2.20
CA THR A 302 17.97 -9.61 -1.14
C THR A 302 17.90 -11.04 -1.68
N PHE B 9 -5.36 -7.48 -24.66
CA PHE B 9 -4.65 -8.55 -23.95
C PHE B 9 -3.37 -8.95 -24.68
N HIS B 10 -2.84 -10.12 -24.34
CA HIS B 10 -1.56 -10.56 -24.87
C HIS B 10 -1.45 -12.08 -24.69
N SER B 11 -1.13 -12.79 -25.77
CA SER B 11 -0.91 -14.22 -25.71
C SER B 11 0.53 -14.50 -25.30
N PHE B 12 0.73 -15.14 -24.16
CA PHE B 12 2.08 -15.50 -23.74
C PHE B 12 2.38 -16.92 -24.19
N SER B 13 3.67 -17.17 -24.41
CA SER B 13 4.14 -18.53 -24.57
C SER B 13 4.12 -19.24 -23.24
N PHE B 14 3.61 -20.47 -23.24
CA PHE B 14 3.69 -21.25 -22.03
C PHE B 14 5.12 -21.30 -21.50
N TYR B 15 6.10 -21.42 -22.40
CA TYR B 15 7.49 -21.53 -21.94
C TYR B 15 8.00 -20.24 -21.34
N GLU B 16 7.52 -19.08 -21.79
CA GLU B 16 7.88 -17.83 -21.13
C GLU B 16 7.39 -17.83 -19.69
N LEU B 17 6.14 -18.25 -19.47
CA LEU B 17 5.58 -18.23 -18.13
C LEU B 17 6.27 -19.25 -17.24
N LYS B 18 6.53 -20.45 -17.77
CA LYS B 18 7.35 -21.40 -17.03
C LYS B 18 8.64 -20.72 -16.63
N ASN B 19 9.26 -20.07 -17.60
CA ASN B 19 10.54 -19.42 -17.38
C ASN B 19 10.47 -18.43 -16.23
N VAL B 20 9.51 -17.49 -16.29
CA VAL B 20 9.51 -16.38 -15.33
C VAL B 20 8.85 -16.73 -14.00
N THR B 21 8.44 -17.98 -13.80
CA THR B 21 7.94 -18.41 -12.51
C THR B 21 8.85 -19.44 -11.86
N ASN B 22 10.05 -19.63 -12.40
CA ASN B 22 10.94 -20.67 -11.88
C ASN B 22 10.38 -22.07 -12.14
N ASN B 23 9.90 -22.28 -13.37
CA ASN B 23 9.27 -23.54 -13.73
C ASN B 23 8.14 -23.85 -12.76
N PHE B 24 7.31 -22.85 -12.50
CA PHE B 24 6.13 -23.03 -11.66
C PHE B 24 6.51 -23.64 -10.31
N ASP B 25 7.55 -23.08 -9.71
CA ASP B 25 8.03 -23.49 -8.40
C ASP B 25 6.93 -23.39 -7.33
N GLU B 26 6.40 -24.53 -6.89
CA GLU B 26 5.25 -24.56 -5.99
C GLU B 26 5.59 -24.27 -4.52
N ARG B 27 6.86 -24.09 -4.17
CA ARG B 27 7.18 -23.66 -2.81
C ARG B 27 6.60 -22.28 -2.56
N PRO B 28 6.07 -22.02 -1.35
CA PRO B 28 5.51 -20.68 -1.06
C PRO B 28 6.55 -19.59 -1.23
N ILE B 29 6.08 -18.41 -1.65
CA ILE B 29 7.01 -17.29 -1.76
C ILE B 29 7.71 -17.06 -0.43
N SER B 30 6.98 -17.24 0.69
CA SER B 30 7.57 -17.02 2.01
C SER B 30 8.83 -17.84 2.23
N VAL B 31 8.98 -18.95 1.50
CA VAL B 31 10.15 -19.82 1.62
C VAL B 31 11.18 -19.58 0.52
N GLY B 32 10.89 -18.73 -0.46
CA GLY B 32 11.74 -18.55 -1.62
C GLY B 32 11.22 -19.16 -2.91
N GLY B 33 10.05 -19.81 -2.89
CA GLY B 33 9.41 -20.32 -4.09
C GLY B 33 8.62 -19.25 -4.81
N ASN B 34 7.66 -19.70 -5.63
CA ASN B 34 6.82 -18.77 -6.38
C ASN B 34 5.32 -18.93 -6.13
N LYS B 35 4.90 -19.85 -5.25
CA LYS B 35 3.48 -20.05 -5.00
C LYS B 35 2.95 -18.96 -4.08
N MET B 36 1.91 -18.28 -4.52
CA MET B 36 1.32 -17.19 -3.78
C MET B 36 -0.05 -17.55 -3.21
N GLY B 37 -0.74 -18.50 -3.82
CA GLY B 37 -2.06 -18.89 -3.36
C GLY B 37 -2.54 -20.07 -4.19
N GLU B 38 -3.69 -20.61 -3.78
CA GLU B 38 -4.31 -21.69 -4.54
C GLU B 38 -5.78 -21.74 -4.20
N GLY B 39 -6.54 -22.37 -5.08
CA GLY B 39 -7.94 -22.59 -4.84
C GLY B 39 -8.38 -23.78 -5.65
N GLY B 40 -9.69 -23.93 -5.82
CA GLY B 40 -10.23 -25.12 -6.47
C GLY B 40 -9.87 -25.25 -7.94
N PHE B 41 -9.53 -24.15 -8.60
CA PHE B 41 -9.32 -24.15 -10.04
C PHE B 41 -7.87 -23.89 -10.42
N GLY B 42 -6.96 -23.77 -9.47
CA GLY B 42 -5.55 -23.73 -9.81
C GLY B 42 -4.70 -23.08 -8.74
N VAL B 43 -3.46 -22.82 -9.12
CA VAL B 43 -2.45 -22.25 -8.25
C VAL B 43 -1.96 -20.94 -8.87
N VAL B 44 -1.68 -19.95 -8.03
CA VAL B 44 -1.22 -18.64 -8.47
C VAL B 44 0.26 -18.50 -8.13
N TYR B 45 1.05 -18.11 -9.12
CA TYR B 45 2.50 -18.00 -8.99
C TYR B 45 2.95 -16.57 -9.24
N LYS B 46 4.04 -16.18 -8.59
CA LYS B 46 4.66 -14.90 -8.87
C LYS B 46 5.57 -15.05 -10.09
N GLY B 47 5.48 -14.08 -11.00
CA GLY B 47 6.36 -14.06 -12.16
C GLY B 47 6.92 -12.66 -12.35
N TYR B 48 7.92 -12.57 -13.22
CA TYR B 48 8.51 -11.28 -13.58
C TYR B 48 8.73 -11.27 -15.07
N VAL B 49 7.97 -10.45 -15.81
CA VAL B 49 8.12 -10.33 -17.26
C VAL B 49 8.20 -8.85 -17.64
N ASN B 50 9.06 -8.54 -18.60
CA ASN B 50 9.34 -7.14 -18.96
C ASN B 50 9.94 -6.47 -17.72
N ASN B 51 9.44 -5.31 -17.31
CA ASN B 51 9.85 -4.68 -16.07
C ASN B 51 8.71 -4.68 -15.06
N THR B 52 7.90 -5.74 -15.06
CA THR B 52 6.66 -5.75 -14.30
C THR B 52 6.47 -7.09 -13.60
N THR B 53 6.12 -7.03 -12.31
CA THR B 53 5.78 -8.24 -11.57
C THR B 53 4.36 -8.68 -11.94
N VAL B 54 4.19 -9.99 -12.16
CA VAL B 54 2.88 -10.48 -12.56
C VAL B 54 2.46 -11.62 -11.65
N ALA B 55 1.17 -11.92 -11.71
CA ALA B 55 0.59 -13.11 -11.10
C ALA B 55 0.14 -14.04 -12.22
N VAL B 56 0.52 -15.30 -12.12
CA VAL B 56 0.24 -16.28 -13.16
C VAL B 56 -0.61 -17.34 -12.52
N LYS B 57 -1.85 -17.49 -12.98
CA LYS B 57 -2.71 -18.55 -12.51
C LYS B 57 -2.68 -19.68 -13.52
N LYS B 58 -2.23 -20.85 -13.08
CA LYS B 58 -2.16 -22.04 -13.89
C LYS B 58 -3.34 -22.91 -13.48
N LEU B 59 -4.28 -23.10 -14.40
CA LEU B 59 -5.53 -23.75 -14.04
C LEU B 59 -5.33 -25.23 -13.85
N ALA B 60 -5.86 -25.76 -12.76
CA ALA B 60 -5.86 -27.20 -12.52
C ALA B 60 -7.14 -27.59 -11.79
N ALA B 61 -7.58 -28.82 -12.03
CA ALA B 61 -8.73 -29.41 -11.33
C ALA B 61 -8.32 -29.81 -9.92
N MET B 62 -8.19 -28.80 -9.06
CA MET B 62 -7.88 -29.06 -7.66
C MET B 62 -9.11 -29.57 -6.91
N VAL B 63 -10.30 -29.40 -7.50
CA VAL B 63 -11.53 -30.02 -7.00
C VAL B 63 -12.11 -30.81 -8.17
N ASP B 64 -13.25 -31.47 -7.96
CA ASP B 64 -13.82 -32.33 -9.00
C ASP B 64 -14.59 -31.48 -10.02
N ILE B 65 -13.90 -31.11 -11.10
CA ILE B 65 -14.53 -30.49 -12.25
C ILE B 65 -13.93 -31.06 -13.53
N THR B 66 -14.64 -30.87 -14.64
CA THR B 66 -14.25 -31.37 -15.94
C THR B 66 -13.14 -30.51 -16.54
N THR B 67 -12.31 -31.13 -17.38
CA THR B 67 -11.42 -30.35 -18.22
C THR B 67 -12.21 -29.38 -19.08
N GLU B 68 -13.28 -29.85 -19.72
CA GLU B 68 -14.16 -28.95 -20.46
C GLU B 68 -14.67 -27.83 -19.57
N GLU B 69 -15.08 -28.16 -18.34
CA GLU B 69 -15.60 -27.14 -17.43
C GLU B 69 -14.53 -26.11 -17.10
N LEU B 70 -13.29 -26.54 -16.91
CA LEU B 70 -12.20 -25.59 -16.71
C LEU B 70 -12.00 -24.71 -17.95
N LYS B 71 -12.07 -25.30 -19.14
CA LYS B 71 -11.87 -24.54 -20.36
C LYS B 71 -12.96 -23.50 -20.54
N GLN B 72 -14.20 -23.84 -20.16
CA GLN B 72 -15.26 -22.84 -20.24
C GLN B 72 -15.07 -21.75 -19.21
N GLN B 73 -14.56 -22.08 -18.02
CA GLN B 73 -14.33 -21.05 -17.03
C GLN B 73 -13.18 -20.15 -17.45
N PHE B 74 -12.13 -20.74 -18.01
CA PHE B 74 -11.07 -19.97 -18.64
C PHE B 74 -11.66 -19.00 -19.66
N ASP B 75 -12.47 -19.51 -20.59
CA ASP B 75 -13.05 -18.65 -21.61
C ASP B 75 -13.89 -17.54 -20.99
N GLN B 76 -14.70 -17.89 -19.99
CA GLN B 76 -15.57 -16.88 -19.38
C GLN B 76 -14.75 -15.78 -18.72
N GLU B 77 -13.66 -16.16 -18.06
CA GLU B 77 -12.84 -15.16 -17.38
C GLU B 77 -12.32 -14.13 -18.39
N ILE B 78 -11.93 -14.59 -19.57
CA ILE B 78 -11.43 -13.67 -20.57
C ILE B 78 -12.55 -12.78 -21.09
N LYS B 79 -13.67 -13.39 -21.50
CA LYS B 79 -14.82 -12.61 -21.96
C LYS B 79 -15.17 -11.49 -20.98
N VAL B 80 -15.23 -11.81 -19.68
CA VAL B 80 -15.60 -10.82 -18.69
C VAL B 80 -14.53 -9.74 -18.54
N MET B 81 -13.26 -10.14 -18.48
CA MET B 81 -12.19 -9.16 -18.35
C MET B 81 -12.05 -8.30 -19.59
N ALA B 82 -12.38 -8.83 -20.76
CA ALA B 82 -12.38 -7.99 -21.95
C ALA B 82 -13.45 -6.92 -21.88
N LYS B 83 -14.57 -7.21 -21.21
CA LYS B 83 -15.67 -6.26 -21.12
C LYS B 83 -15.53 -5.33 -19.92
N CYS B 84 -14.89 -5.79 -18.84
CA CYS B 84 -15.00 -5.13 -17.54
C CYS B 84 -13.63 -4.60 -17.11
N GLN B 85 -13.46 -3.28 -17.16
CA GLN B 85 -12.29 -2.61 -16.61
C GLN B 85 -12.77 -1.53 -15.64
N HIS B 86 -12.26 -1.56 -14.41
CA HIS B 86 -12.74 -0.67 -13.36
C HIS B 86 -11.70 -0.65 -12.25
N GLU B 87 -11.70 0.44 -11.46
CA GLU B 87 -10.64 0.57 -10.46
C GLU B 87 -10.69 -0.50 -9.37
N ASN B 88 -11.82 -1.18 -9.20
CA ASN B 88 -11.93 -2.19 -8.16
C ASN B 88 -12.08 -3.59 -8.74
N LEU B 89 -11.59 -3.80 -9.97
CA LEU B 89 -11.44 -5.12 -10.57
C LEU B 89 -9.96 -5.35 -10.87
N VAL B 90 -9.50 -6.59 -10.73
CA VAL B 90 -8.12 -6.89 -11.13
C VAL B 90 -8.01 -6.67 -12.63
N GLU B 91 -6.79 -6.61 -13.11
CA GLU B 91 -6.53 -6.32 -14.51
C GLU B 91 -5.83 -7.52 -15.13
N LEU B 92 -6.47 -8.11 -16.14
CA LEU B 92 -5.88 -9.24 -16.85
C LEU B 92 -4.91 -8.74 -17.91
N LEU B 93 -3.68 -9.24 -17.87
CA LEU B 93 -2.66 -8.87 -18.84
C LEU B 93 -2.63 -9.79 -20.06
N GLY B 94 -2.93 -11.07 -19.88
CA GLY B 94 -2.84 -12.00 -20.99
C GLY B 94 -3.15 -13.40 -20.50
N PHE B 95 -2.86 -14.36 -21.35
CA PHE B 95 -3.23 -15.75 -21.12
C PHE B 95 -2.32 -16.62 -21.97
N SER B 96 -2.37 -17.91 -21.68
CA SER B 96 -1.63 -18.89 -22.45
C SER B 96 -2.48 -20.13 -22.59
N SER B 97 -2.67 -20.59 -23.82
CA SER B 97 -3.40 -21.82 -24.09
C SER B 97 -2.54 -22.86 -24.79
N ASP B 98 -1.22 -22.69 -24.80
CA ASP B 98 -0.31 -23.59 -25.49
C ASP B 98 -0.45 -25.02 -24.98
N ASP B 101 -2.33 -27.06 -20.61
CA ASP B 101 -2.26 -26.19 -19.43
C ASP B 101 -2.68 -24.78 -19.74
N LEU B 102 -3.74 -24.31 -19.09
CA LEU B 102 -4.20 -22.95 -19.28
C LEU B 102 -3.63 -22.05 -18.18
N CYS B 103 -3.13 -20.88 -18.58
CA CYS B 103 -2.61 -19.88 -17.66
C CYS B 103 -3.28 -18.54 -17.90
N LEU B 104 -3.46 -17.78 -16.82
CA LEU B 104 -3.99 -16.43 -16.90
C LEU B 104 -3.00 -15.53 -16.20
N VAL B 105 -2.68 -14.39 -16.81
CA VAL B 105 -1.60 -13.52 -16.34
C VAL B 105 -2.21 -12.18 -15.96
N TYR B 106 -2.00 -11.77 -14.71
CA TYR B 106 -2.51 -10.52 -14.16
C TYR B 106 -1.39 -9.62 -13.66
N VAL B 107 -1.72 -8.33 -13.49
CA VAL B 107 -0.89 -7.45 -12.69
C VAL B 107 -0.82 -7.97 -11.28
N TYR B 108 0.39 -8.05 -10.73
CA TYR B 108 0.66 -8.55 -9.39
C TYR B 108 -0.01 -7.66 -8.36
N MET B 109 -0.53 -8.25 -7.30
CA MET B 109 -1.14 -7.43 -6.26
C MET B 109 -0.21 -7.44 -5.05
N PRO B 110 0.48 -6.32 -4.74
CA PRO B 110 1.49 -6.35 -3.68
C PRO B 110 0.98 -6.78 -2.33
N ASN B 111 -0.32 -6.67 -2.05
CA ASN B 111 -0.82 -7.01 -0.73
C ASN B 111 -1.72 -8.25 -0.71
N GLY B 112 -1.74 -9.01 -1.80
CA GLY B 112 -2.34 -10.34 -1.77
C GLY B 112 -3.84 -10.25 -1.54
N SER B 113 -4.39 -11.25 -0.86
CA SER B 113 -5.83 -11.35 -0.72
C SER B 113 -6.24 -10.77 0.61
N LEU B 114 -7.46 -10.25 0.64
CA LEU B 114 -8.05 -9.77 1.89
C LEU B 114 -8.07 -10.86 2.96
N LEU B 115 -8.42 -12.09 2.57
CA LEU B 115 -8.41 -13.20 3.53
C LEU B 115 -7.05 -13.31 4.22
N ASP B 116 -5.98 -13.27 3.43
CA ASP B 116 -4.65 -13.48 3.95
C ASP B 116 -4.22 -12.31 4.83
N ARG B 117 -4.57 -11.07 4.43
CA ARG B 117 -4.20 -9.93 5.26
C ARG B 117 -5.05 -9.85 6.54
N LEU B 118 -6.31 -10.29 6.48
CA LEU B 118 -7.12 -10.36 7.71
C LEU B 118 -6.55 -11.36 8.68
N SER B 119 -5.92 -12.42 8.18
CA SER B 119 -5.30 -13.37 9.08
C SER B 119 -3.82 -13.08 9.33
N CYS B 120 -3.30 -11.97 8.79
CA CYS B 120 -1.89 -11.62 8.97
C CYS B 120 -0.97 -12.74 8.52
N LEU B 121 -1.41 -13.51 7.52
CA LEU B 121 -0.56 -14.54 6.95
C LEU B 121 0.82 -14.01 6.59
N ASP B 122 1.85 -14.81 6.88
CA ASP B 122 3.26 -14.55 6.63
C ASP B 122 3.82 -13.39 7.44
N GLY B 123 3.04 -12.85 8.38
CA GLY B 123 3.54 -11.86 9.30
C GLY B 123 3.21 -10.43 8.93
N THR B 124 2.28 -10.20 8.03
CA THR B 124 2.00 -8.84 7.67
C THR B 124 1.29 -8.14 8.83
N PRO B 125 1.51 -6.83 9.00
CA PRO B 125 0.84 -6.12 10.10
C PRO B 125 -0.66 -6.05 9.89
N PRO B 126 -1.46 -6.06 10.97
CA PRO B 126 -2.93 -6.08 10.82
C PRO B 126 -3.45 -4.82 10.13
N LEU B 127 -4.55 -4.99 9.41
CA LEU B 127 -5.21 -3.87 8.74
C LEU B 127 -5.84 -2.94 9.77
N SER B 128 -5.65 -1.63 9.59
CA SER B 128 -6.31 -0.70 10.48
C SER B 128 -7.80 -0.62 10.15
N TRP B 129 -8.60 -0.16 11.11
CA TRP B 129 -10.00 0.10 10.80
C TRP B 129 -10.14 1.04 9.61
N HIS B 130 -9.28 2.07 9.53
CA HIS B 130 -9.34 3.00 8.42
C HIS B 130 -9.15 2.29 7.09
N MET B 131 -8.14 1.41 6.99
CA MET B 131 -8.01 0.66 5.73
C MET B 131 -9.19 -0.28 5.49
N ARG B 132 -9.74 -0.90 6.54
CA ARG B 132 -10.85 -1.85 6.33
C ARG B 132 -12.07 -1.15 5.74
N CYS B 133 -12.33 0.08 6.18
CA CYS B 133 -13.46 0.83 5.64
C CYS B 133 -13.24 1.16 4.18
N LYS B 134 -12.00 1.51 3.81
CA LYS B 134 -11.72 1.76 2.40
C LYS B 134 -11.89 0.48 1.59
N ILE B 135 -11.42 -0.63 2.13
CA ILE B 135 -11.48 -1.87 1.39
C ILE B 135 -12.95 -2.25 1.18
N ALA B 136 -13.78 -2.07 2.21
CA ALA B 136 -15.20 -2.44 2.07
C ALA B 136 -15.90 -1.56 1.03
N GLN B 137 -15.62 -0.25 1.04
CA GLN B 137 -16.23 0.64 0.06
C GLN B 137 -15.77 0.25 -1.35
N GLY B 138 -14.48 -0.02 -1.52
CA GLY B 138 -14.00 -0.33 -2.85
C GLY B 138 -14.60 -1.62 -3.38
N ALA B 139 -14.72 -2.63 -2.51
CA ALA B 139 -15.27 -3.89 -2.96
C ALA B 139 -16.74 -3.73 -3.33
N ALA B 140 -17.47 -2.94 -2.56
CA ALA B 140 -18.83 -2.60 -2.95
C ALA B 140 -18.85 -1.92 -4.31
N ASN B 141 -17.95 -0.98 -4.54
CA ASN B 141 -17.93 -0.29 -5.82
C ASN B 141 -17.70 -1.26 -6.96
N GLY B 142 -16.81 -2.24 -6.76
CA GLY B 142 -16.54 -3.23 -7.79
C GLY B 142 -17.73 -4.14 -8.08
N ILE B 143 -18.49 -4.51 -7.05
CA ILE B 143 -19.71 -5.30 -7.24
C ILE B 143 -20.76 -4.45 -7.94
N ASN B 144 -20.86 -3.17 -7.58
CA ASN B 144 -21.79 -2.29 -8.25
C ASN B 144 -21.50 -2.22 -9.73
N PHE B 145 -20.23 -2.10 -10.09
CA PHE B 145 -19.88 -2.01 -11.50
C PHE B 145 -20.30 -3.29 -12.23
N LEU B 146 -19.96 -4.44 -11.67
CA LEU B 146 -20.36 -5.73 -12.24
C LEU B 146 -21.88 -5.83 -12.43
N HIS B 147 -22.66 -5.49 -11.39
CA HIS B 147 -24.11 -5.64 -11.49
C HIS B 147 -24.69 -4.66 -12.50
N GLU B 148 -24.18 -3.43 -12.52
CA GLU B 148 -24.59 -2.44 -13.52
C GLU B 148 -24.35 -2.94 -14.93
N ASN B 149 -23.33 -3.76 -15.14
CA ASN B 149 -23.11 -4.31 -16.47
C ASN B 149 -23.67 -5.71 -16.59
N HIS B 150 -24.59 -6.07 -15.68
CA HIS B 150 -25.36 -7.31 -15.80
C HIS B 150 -24.48 -8.54 -15.69
N HIS B 151 -23.57 -8.54 -14.74
CA HIS B 151 -22.77 -9.72 -14.44
C HIS B 151 -23.04 -10.13 -13.00
N ILE B 152 -23.29 -11.41 -12.78
CA ILE B 152 -23.36 -12.00 -11.45
C ILE B 152 -22.02 -12.69 -11.19
N HIS B 153 -21.40 -12.39 -10.05
CA HIS B 153 -20.07 -12.92 -9.80
C HIS B 153 -20.12 -14.39 -9.42
N ARG B 154 -20.95 -14.72 -8.42
CA ARG B 154 -21.22 -16.06 -7.90
C ARG B 154 -20.13 -16.62 -7.01
N ASP B 155 -19.05 -15.88 -6.74
CA ASP B 155 -17.97 -16.42 -5.93
C ASP B 155 -17.35 -15.32 -5.07
N ILE B 156 -18.18 -14.43 -4.54
CA ILE B 156 -17.71 -13.33 -3.70
C ILE B 156 -17.24 -13.87 -2.36
N LYS B 157 -15.97 -13.65 -2.05
CA LYS B 157 -15.40 -14.07 -0.77
C LYS B 157 -14.08 -13.35 -0.57
N SER B 158 -13.58 -13.39 0.67
CA SER B 158 -12.40 -12.56 0.96
C SER B 158 -11.16 -13.09 0.24
N ALA B 159 -11.10 -14.38 -0.10
CA ALA B 159 -10.00 -14.88 -0.90
C ALA B 159 -9.98 -14.25 -2.29
N ASN B 160 -11.13 -13.77 -2.78
CA ASN B 160 -11.20 -13.24 -4.14
C ASN B 160 -11.28 -11.72 -4.16
N ILE B 161 -11.00 -11.07 -3.04
CA ILE B 161 -10.86 -9.62 -2.98
C ILE B 161 -9.37 -9.35 -2.76
N LEU B 162 -8.69 -8.84 -3.77
CA LEU B 162 -7.26 -8.64 -3.65
C LEU B 162 -6.95 -7.18 -3.34
N LEU B 163 -5.69 -6.92 -2.97
CA LEU B 163 -5.32 -5.63 -2.41
C LEU B 163 -4.05 -5.11 -3.09
N ASP B 164 -4.12 -3.91 -3.65
CA ASP B 164 -3.04 -3.44 -4.51
C ASP B 164 -2.01 -2.66 -3.67
N GLU B 165 -1.17 -1.86 -4.33
CA GLU B 165 -0.09 -1.13 -3.68
C GLU B 165 -0.62 -0.11 -2.70
N ALA B 166 -1.88 0.29 -2.85
CA ALA B 166 -2.51 1.26 -1.96
C ALA B 166 -3.59 0.62 -1.09
N PHE B 167 -3.63 -0.71 -1.01
CA PHE B 167 -4.69 -1.42 -0.31
C PHE B 167 -6.06 -1.10 -0.92
N THR B 168 -6.11 -0.85 -2.21
CA THR B 168 -7.37 -0.69 -2.92
C THR B 168 -7.94 -2.08 -3.22
N ALA B 169 -9.23 -2.26 -2.97
CA ALA B 169 -9.84 -3.58 -3.15
C ALA B 169 -9.99 -3.86 -4.64
N LYS B 170 -9.57 -5.04 -5.08
CA LYS B 170 -9.70 -5.43 -6.48
C LYS B 170 -10.37 -6.79 -6.56
N ILE B 171 -11.62 -6.83 -7.04
CA ILE B 171 -12.33 -8.10 -7.19
C ILE B 171 -11.67 -8.94 -8.27
N SER B 172 -11.58 -10.25 -8.04
CA SER B 172 -10.99 -11.19 -8.98
C SER B 172 -11.86 -12.43 -9.13
N ASP B 173 -11.45 -13.30 -10.07
CA ASP B 173 -11.95 -14.66 -10.24
C ASP B 173 -13.33 -14.67 -10.89
N PHE B 174 -13.37 -14.58 -12.22
CA PHE B 174 -14.62 -14.40 -12.95
C PHE B 174 -15.02 -15.62 -13.76
N GLY B 175 -14.36 -16.75 -13.53
CA GLY B 175 -14.63 -17.97 -14.28
C GLY B 175 -16.03 -18.52 -14.08
N LEU B 176 -16.71 -18.17 -13.00
CA LEU B 176 -18.08 -18.63 -12.74
C LEU B 176 -19.12 -17.56 -12.98
N ALA B 177 -18.71 -16.39 -13.45
CA ALA B 177 -19.66 -15.29 -13.64
C ALA B 177 -20.75 -15.66 -14.65
N ARG B 178 -21.96 -15.14 -14.43
CA ARG B 178 -23.07 -15.27 -15.37
C ARG B 178 -23.69 -13.91 -15.65
N ALA B 179 -24.17 -13.74 -16.88
CA ALA B 179 -24.94 -12.55 -17.23
C ALA B 179 -26.36 -12.67 -16.68
N SER B 180 -26.86 -11.59 -16.09
CA SER B 180 -28.27 -11.54 -15.63
C SER B 180 -29.16 -10.72 -16.56
N TPO B 186 -35.06 -15.05 -12.25
CA TPO B 186 -34.01 -15.88 -11.65
CB TPO B 186 -34.17 -15.92 -10.14
CG2 TPO B 186 -33.18 -16.93 -9.54
OG1 TPO B 186 -33.93 -14.61 -9.61
P TPO B 186 -34.97 -14.32 -8.41
O1P TPO B 186 -34.46 -13.20 -7.60
O2P TPO B 186 -36.44 -14.04 -9.04
O3P TPO B 186 -35.08 -15.61 -7.44
C TPO B 186 -34.00 -17.29 -12.22
O TPO B 186 -35.05 -17.87 -12.49
N VAL B 187 -32.81 -17.85 -12.36
CA VAL B 187 -32.59 -19.08 -13.10
C VAL B 187 -32.02 -20.13 -12.14
N MET B 188 -32.17 -21.41 -12.49
CA MET B 188 -31.52 -22.49 -11.75
C MET B 188 -30.54 -23.32 -12.58
N TPO B 189 -29.57 -23.93 -11.90
CA TPO B 189 -28.63 -24.86 -12.53
CB TPO B 189 -27.26 -24.15 -12.79
CG2 TPO B 189 -26.76 -23.55 -11.47
OG1 TPO B 189 -26.27 -25.08 -13.23
P TPO B 189 -25.72 -24.62 -14.67
O1P TPO B 189 -24.50 -23.82 -14.48
O2P TPO B 189 -26.81 -23.74 -15.46
O3P TPO B 189 -25.43 -25.97 -15.47
C TPO B 189 -28.44 -26.10 -11.66
O TPO B 189 -28.57 -26.04 -10.44
N SEP B 190 -28.08 -27.21 -12.29
CA SEP B 190 -27.81 -28.45 -11.58
CB SEP B 190 -27.96 -29.64 -12.53
OG SEP B 190 -26.94 -29.63 -13.51
C SEP B 190 -26.41 -28.48 -10.94
O SEP B 190 -26.13 -29.33 -10.08
P SEP B 190 -27.48 -29.25 -14.99
O1P SEP B 190 -27.70 -27.65 -15.02
O2P SEP B 190 -26.41 -29.66 -16.12
O3P SEP B 190 -28.83 -30.08 -15.27
N ARG B 191 -25.54 -27.55 -11.33
CA ARG B 191 -24.18 -27.53 -10.81
C ARG B 191 -23.99 -26.44 -9.75
N ILE B 192 -23.83 -26.86 -8.50
CA ILE B 192 -23.66 -25.92 -7.40
C ILE B 192 -22.19 -25.58 -7.27
N VAL B 193 -21.88 -24.29 -7.22
CA VAL B 193 -20.50 -23.84 -7.16
C VAL B 193 -20.38 -22.75 -6.11
N GLY B 194 -19.15 -22.54 -5.65
CA GLY B 194 -18.88 -21.56 -4.62
C GLY B 194 -18.38 -22.21 -3.35
N THR B 195 -18.26 -21.38 -2.31
CA THR B 195 -17.76 -21.78 -1.01
C THR B 195 -18.88 -21.67 0.00
N THR B 196 -19.25 -22.81 0.60
CA THR B 196 -20.48 -22.93 1.40
C THR B 196 -20.62 -21.85 2.46
N ALA B 197 -19.53 -21.56 3.18
CA ALA B 197 -19.63 -20.62 4.28
C ALA B 197 -20.03 -19.22 3.83
N TYR B 198 -19.92 -18.92 2.54
CA TYR B 198 -20.22 -17.58 2.06
C TYR B 198 -21.55 -17.50 1.31
N MET B 199 -22.25 -18.61 1.14
CA MET B 199 -23.21 -18.64 0.05
C MET B 199 -24.61 -18.35 0.58
N ALA B 200 -25.43 -17.69 -0.22
CA ALA B 200 -26.81 -17.45 0.16
C ALA B 200 -27.62 -18.76 0.07
N PRO B 201 -28.73 -18.87 0.78
CA PRO B 201 -29.47 -20.13 0.71
C PRO B 201 -30.00 -20.44 -0.67
N GLU B 202 -30.54 -19.45 -1.41
CA GLU B 202 -31.01 -19.79 -2.76
C GLU B 202 -29.85 -20.30 -3.63
N ALA B 203 -28.66 -19.70 -3.49
CA ALA B 203 -27.53 -20.14 -4.29
C ALA B 203 -27.11 -21.56 -3.93
N LEU B 204 -27.24 -21.94 -2.67
CA LEU B 204 -27.07 -23.35 -2.33
C LEU B 204 -28.13 -24.24 -2.96
N ARG B 205 -29.30 -23.70 -3.26
CA ARG B 205 -30.33 -24.51 -3.91
C ARG B 205 -30.17 -24.51 -5.42
N GLY B 206 -29.21 -23.76 -5.95
CA GLY B 206 -28.95 -23.76 -7.38
C GLY B 206 -29.59 -22.64 -8.15
N GLU B 207 -30.18 -21.66 -7.46
CA GLU B 207 -30.67 -20.45 -8.12
C GLU B 207 -29.51 -19.53 -8.45
N ILE B 208 -29.58 -18.87 -9.60
CA ILE B 208 -28.61 -17.87 -10.02
C ILE B 208 -29.29 -16.52 -9.91
N THR B 209 -28.73 -15.62 -9.11
CA THR B 209 -29.34 -14.31 -8.96
C THR B 209 -28.36 -13.35 -8.32
N PRO B 210 -28.30 -12.09 -8.76
CA PRO B 210 -27.32 -11.17 -8.17
C PRO B 210 -27.52 -10.99 -6.70
N LYS B 211 -28.74 -11.21 -6.20
CA LYS B 211 -28.98 -11.06 -4.77
C LYS B 211 -28.06 -11.95 -3.95
N SER B 212 -27.56 -13.04 -4.52
CA SER B 212 -26.63 -13.88 -3.78
C SER B 212 -25.27 -13.20 -3.60
N ASP B 213 -24.81 -12.40 -4.57
CA ASP B 213 -23.56 -11.64 -4.40
C ASP B 213 -23.65 -10.75 -3.17
N ILE B 214 -24.83 -10.16 -2.94
CA ILE B 214 -25.03 -9.28 -1.79
C ILE B 214 -24.87 -10.05 -0.49
N TYR B 215 -25.51 -11.22 -0.40
CA TYR B 215 -25.40 -12.02 0.81
C TYR B 215 -23.94 -12.37 1.09
N SER B 216 -23.22 -12.82 0.06
CA SER B 216 -21.82 -13.15 0.24
C SER B 216 -21.02 -11.94 0.70
N PHE B 217 -21.32 -10.76 0.15
CA PHE B 217 -20.62 -9.54 0.58
C PHE B 217 -20.86 -9.27 2.05
N GLY B 218 -22.04 -9.61 2.55
CA GLY B 218 -22.30 -9.47 3.98
C GLY B 218 -21.41 -10.33 4.84
N VAL B 219 -21.16 -11.57 4.40
CA VAL B 219 -20.19 -12.38 5.15
C VAL B 219 -18.82 -11.72 5.14
N VAL B 220 -18.40 -11.21 3.98
CA VAL B 220 -17.10 -10.53 3.89
C VAL B 220 -17.02 -9.38 4.90
N LEU B 221 -18.10 -8.60 5.02
CA LEU B 221 -18.11 -7.51 5.98
C LEU B 221 -17.91 -8.02 7.41
N LEU B 222 -18.52 -9.16 7.76
CA LEU B 222 -18.31 -9.71 9.09
C LEU B 222 -16.85 -10.16 9.28
N GLU B 223 -16.23 -10.73 8.25
CA GLU B 223 -14.79 -11.04 8.32
C GLU B 223 -13.98 -9.77 8.54
N ILE B 224 -14.34 -8.70 7.84
CA ILE B 224 -13.63 -7.44 8.02
C ILE B 224 -13.73 -6.96 9.44
N ILE B 225 -14.94 -6.98 10.00
CA ILE B 225 -15.18 -6.47 11.35
C ILE B 225 -14.44 -7.30 12.40
N THR B 226 -14.47 -8.62 12.25
CA THR B 226 -14.06 -9.49 13.35
C THR B 226 -12.66 -10.06 13.17
N GLY B 227 -12.17 -10.14 11.93
CA GLY B 227 -10.93 -10.85 11.70
C GLY B 227 -11.04 -12.35 11.80
N LEU B 228 -12.26 -12.89 11.85
CA LEU B 228 -12.52 -14.30 12.01
C LEU B 228 -12.76 -14.93 10.64
N PRO B 229 -12.27 -16.14 10.40
CA PRO B 229 -12.62 -16.82 9.15
C PRO B 229 -14.11 -17.15 9.07
N ALA B 230 -14.60 -17.24 7.82
CA ALA B 230 -16.01 -17.55 7.55
C ALA B 230 -16.41 -18.91 8.13
N VAL B 231 -15.51 -19.89 8.09
CA VAL B 231 -15.75 -21.19 8.70
C VAL B 231 -14.47 -21.60 9.43
N ASP B 232 -14.63 -22.29 10.56
CA ASP B 232 -13.49 -22.77 11.31
C ASP B 232 -13.92 -24.03 12.06
N GLU B 233 -13.29 -25.16 11.69
CA GLU B 233 -13.68 -26.46 12.24
C GLU B 233 -13.17 -26.69 13.66
N HIS B 234 -12.30 -25.83 14.20
CA HIS B 234 -11.91 -25.91 15.61
C HIS B 234 -12.45 -24.72 16.41
N ARG B 235 -13.45 -24.04 15.89
CA ARG B 235 -14.10 -22.94 16.56
C ARG B 235 -15.59 -23.24 16.71
N GLU B 236 -16.21 -22.52 17.63
CA GLU B 236 -17.63 -22.63 17.92
C GLU B 236 -18.15 -21.20 18.08
N PRO B 237 -19.12 -20.74 17.27
CA PRO B 237 -19.77 -21.42 16.14
C PRO B 237 -18.74 -21.69 15.05
N GLN B 238 -18.99 -22.70 14.21
CA GLN B 238 -18.07 -23.01 13.13
C GLN B 238 -18.25 -22.02 11.99
N LEU B 239 -19.45 -21.44 11.87
CA LEU B 239 -19.83 -20.56 10.76
C LEU B 239 -20.00 -19.14 11.25
N LEU B 240 -19.29 -18.22 10.60
CA LEU B 240 -19.32 -16.81 10.98
C LEU B 240 -20.72 -16.22 10.89
N LEU B 241 -21.45 -16.52 9.79
CA LEU B 241 -22.77 -15.91 9.64
C LEU B 241 -23.70 -16.30 10.80
N ASP B 242 -23.36 -17.32 11.58
CA ASP B 242 -24.13 -17.65 12.78
C ASP B 242 -23.99 -16.61 13.89
N ILE B 243 -22.95 -15.77 13.85
CA ILE B 243 -22.80 -14.72 14.83
C ILE B 243 -23.97 -13.75 14.79
N LYS B 244 -24.55 -13.53 13.62
CA LYS B 244 -25.64 -12.57 13.53
C LYS B 244 -26.81 -13.01 14.40
N GLU B 245 -27.14 -14.31 14.39
CA GLU B 245 -28.25 -14.79 15.22
C GLU B 245 -27.96 -14.63 16.71
N GLU B 246 -26.69 -14.73 17.13
CA GLU B 246 -26.37 -14.50 18.53
C GLU B 246 -26.51 -13.04 18.91
N ILE B 247 -26.03 -12.12 18.08
CA ILE B 247 -26.26 -10.71 18.36
C ILE B 247 -27.75 -10.43 18.34
N GLU B 248 -28.45 -10.93 17.33
CA GLU B 248 -29.86 -10.58 17.21
C GLU B 248 -30.68 -11.14 18.36
N ASP B 249 -30.34 -12.32 18.85
CA ASP B 249 -31.01 -12.87 20.02
C ASP B 249 -30.51 -12.26 21.32
N GLU B 250 -29.94 -11.04 21.27
CA GLU B 250 -29.54 -10.23 22.42
C GLU B 250 -28.53 -10.95 23.31
N GLU B 251 -28.16 -12.16 22.92
CA GLU B 251 -27.21 -12.91 23.73
C GLU B 251 -25.83 -12.24 23.71
N LYS B 252 -25.48 -11.52 22.64
CA LYS B 252 -24.17 -10.89 22.48
C LYS B 252 -24.31 -9.56 21.75
N THR B 253 -23.20 -8.84 21.64
CA THR B 253 -23.10 -7.59 20.90
C THR B 253 -21.98 -7.70 19.86
N ILE B 254 -22.03 -6.85 18.83
CA ILE B 254 -20.95 -6.90 17.83
C ILE B 254 -19.62 -6.55 18.47
N GLU B 255 -19.66 -5.72 19.52
CA GLU B 255 -18.43 -5.37 20.23
C GLU B 255 -17.74 -6.57 20.85
N ASP B 256 -18.48 -7.62 21.21
CA ASP B 256 -17.79 -8.79 21.74
C ASP B 256 -16.98 -9.50 20.67
N TYR B 257 -17.23 -9.22 19.40
CA TYR B 257 -16.56 -9.89 18.29
C TYR B 257 -15.57 -9.03 17.55
N ILE B 258 -15.44 -7.73 17.88
CA ILE B 258 -14.63 -6.84 17.04
C ILE B 258 -13.20 -7.33 17.07
N ASP B 259 -12.53 -7.32 15.92
CA ASP B 259 -11.12 -7.69 15.87
C ASP B 259 -10.30 -6.84 16.85
N LYS B 260 -9.55 -7.50 17.75
CA LYS B 260 -8.74 -6.78 18.72
C LYS B 260 -7.46 -6.21 18.10
N LYS B 261 -7.13 -6.60 16.87
CA LYS B 261 -5.87 -6.25 16.24
C LYS B 261 -5.92 -4.87 15.58
N MET B 262 -6.69 -3.93 16.14
CA MET B 262 -6.79 -2.56 15.65
C MET B 262 -6.71 -1.62 16.83
N ASN B 263 -6.09 -0.46 16.64
CA ASN B 263 -6.20 0.58 17.66
C ASN B 263 -7.07 1.78 17.24
N ASP B 264 -7.73 1.76 16.09
CA ASP B 264 -8.37 2.95 15.57
C ASP B 264 -9.82 2.75 15.21
N ALA B 265 -10.44 1.66 15.66
CA ALA B 265 -11.87 1.51 15.41
C ALA B 265 -12.63 2.42 16.37
N ASP B 266 -13.79 2.90 15.92
CA ASP B 266 -14.72 3.53 16.84
C ASP B 266 -16.06 2.80 16.76
N SER B 267 -16.74 2.74 17.90
CA SER B 267 -17.91 1.87 18.02
C SER B 267 -19.00 2.26 17.03
N THR B 268 -19.09 3.55 16.67
CA THR B 268 -20.17 3.98 15.80
C THR B 268 -20.00 3.50 14.37
N SER B 269 -18.78 3.64 13.79
CA SER B 269 -18.64 3.19 12.41
C SER B 269 -18.70 1.67 12.34
N VAL B 270 -18.20 1.00 13.38
CA VAL B 270 -18.28 -0.45 13.43
C VAL B 270 -19.74 -0.88 13.40
N GLU B 271 -20.55 -0.28 14.27
CA GLU B 271 -21.97 -0.61 14.27
C GLU B 271 -22.60 -0.26 12.94
N ALA B 272 -22.18 0.85 12.33
CA ALA B 272 -22.73 1.17 11.03
C ALA B 272 -22.39 0.07 10.02
N MET B 273 -21.17 -0.44 10.03
CA MET B 273 -20.83 -1.42 9.02
C MET B 273 -21.51 -2.75 9.34
N TYR B 274 -21.67 -3.06 10.64
CA TYR B 274 -22.41 -4.24 11.04
C TYR B 274 -23.88 -4.14 10.61
N SER B 275 -24.49 -2.96 10.74
CA SER B 275 -25.85 -2.78 10.25
C SER B 275 -25.96 -3.09 8.76
N VAL B 276 -25.00 -2.63 7.96
CA VAL B 276 -24.97 -2.99 6.55
C VAL B 276 -24.85 -4.51 6.39
N ALA B 277 -23.91 -5.13 7.10
CA ALA B 277 -23.74 -6.57 6.92
C ALA B 277 -25.03 -7.30 7.25
N SER B 278 -25.70 -6.86 8.31
CA SER B 278 -26.90 -7.52 8.78
C SER B 278 -28.01 -7.45 7.75
N GLN B 279 -28.20 -6.29 7.11
CA GLN B 279 -29.16 -6.22 6.00
C GLN B 279 -28.76 -7.15 4.83
N CYS B 280 -27.47 -7.22 4.51
CA CYS B 280 -27.02 -8.08 3.43
C CYS B 280 -27.32 -9.53 3.74
N LEU B 281 -27.28 -9.88 5.01
CA LEU B 281 -27.42 -11.25 5.45
C LEU B 281 -28.87 -11.66 5.69
N HIS B 282 -29.83 -10.88 5.21
CA HIS B 282 -31.23 -11.34 5.20
C HIS B 282 -31.33 -12.69 4.52
N GLU B 283 -31.86 -13.69 5.24
CA GLU B 283 -32.01 -14.99 4.59
C GLU B 283 -33.00 -14.90 3.42
N LYS B 284 -34.11 -14.18 3.59
CA LYS B 284 -35.04 -14.02 2.50
C LYS B 284 -34.44 -13.08 1.46
N LYS B 285 -34.37 -13.54 0.21
CA LYS B 285 -33.54 -12.85 -0.78
C LYS B 285 -34.14 -11.51 -1.20
N ASN B 286 -35.47 -11.41 -1.22
CA ASN B 286 -36.11 -10.16 -1.58
C ASN B 286 -36.04 -9.11 -0.48
N LYS B 287 -35.55 -9.49 0.70
CA LYS B 287 -35.43 -8.55 1.80
C LYS B 287 -34.07 -7.87 1.85
N ARG B 288 -33.12 -8.30 0.99
CA ARG B 288 -31.79 -7.70 0.95
C ARG B 288 -31.81 -6.40 0.15
N PRO B 289 -30.95 -5.46 0.52
CA PRO B 289 -30.78 -4.27 -0.32
C PRO B 289 -30.07 -4.66 -1.60
N ASP B 290 -30.20 -3.83 -2.62
CA ASP B 290 -29.42 -4.04 -3.82
C ASP B 290 -28.05 -3.37 -3.66
N ILE B 291 -27.15 -3.62 -4.61
CA ILE B 291 -25.77 -3.17 -4.41
C ILE B 291 -25.69 -1.65 -4.31
N LYS B 292 -26.56 -0.94 -5.02
CA LYS B 292 -26.51 0.51 -4.97
C LYS B 292 -26.75 1.04 -3.57
N LYS B 293 -27.70 0.43 -2.85
CA LYS B 293 -27.98 0.84 -1.48
C LYS B 293 -26.81 0.50 -0.54
N VAL B 294 -26.23 -0.68 -0.69
CA VAL B 294 -25.04 -1.00 0.10
C VAL B 294 -23.97 0.06 -0.12
N GLN B 295 -23.75 0.42 -1.38
CA GLN B 295 -22.73 1.41 -1.73
C GLN B 295 -22.98 2.71 -0.98
N GLN B 296 -24.23 3.15 -0.97
CA GLN B 296 -24.60 4.40 -0.30
C GLN B 296 -24.34 4.31 1.20
N LEU B 297 -24.91 3.31 1.85
CA LEU B 297 -24.70 3.11 3.29
C LEU B 297 -23.23 3.10 3.65
N LEU B 298 -22.40 2.41 2.87
CA LEU B 298 -20.98 2.37 3.17
C LEU B 298 -20.33 3.76 3.01
N GLN B 299 -20.88 4.62 2.16
CA GLN B 299 -20.23 5.92 2.03
C GLN B 299 -20.58 6.80 3.22
N GLU B 300 -21.87 6.88 3.56
CA GLU B 300 -22.29 7.60 4.76
C GLU B 300 -21.51 7.17 5.99
N MET B 301 -21.15 5.88 6.08
CA MET B 301 -20.33 5.39 7.21
C MET B 301 -19.11 6.27 7.48
N THR B 302 -18.50 6.82 6.44
CA THR B 302 -17.33 7.69 6.68
C THR B 302 -17.64 9.13 6.29
C10 A1BW0 C . 4.88 15.80 6.33
C15 A1BW0 C . 5.43 10.62 13.57
C17 A1BW0 C . 5.30 11.80 11.61
C21 A1BW0 C . 9.06 13.61 12.25
C24 A1BW0 C . 8.66 8.12 16.87
C28 A1BW0 C . 10.29 6.57 18.11
C01 A1BW0 C . 4.57 12.03 10.34
C02 A1BW0 C . 3.61 11.15 9.80
C03 A1BW0 C . 3.18 11.63 8.58
C04 A1BW0 C . 3.90 12.81 8.33
C06 A1BW0 C . 3.95 13.74 7.26
C07 A1BW0 C . 4.84 14.82 7.40
C08 A1BW0 C . 5.64 14.97 8.54
C12 A1BW0 C . 7.34 10.86 15.19
C14 A1BW0 C . 6.65 11.21 13.89
C18 A1BW0 C . 6.51 12.43 11.82
C19 A1BW0 C . 7.20 12.15 13.00
C23 A1BW0 C . 7.51 9.13 16.98
C25 A1BW0 C . 9.12 7.57 18.26
C27 A1BW0 C . 7.97 7.02 19.17
F26 A1BW0 C . 9.67 8.79 16.27
N05 A1BW0 C . 4.77 13.03 9.44
N09 A1BW0 C . 5.65 14.08 9.57
N11 A1BW0 C . 4.91 16.57 5.49
N16 A1BW0 C . 4.77 10.87 12.45
N20 A1BW0 C . 8.43 12.77 13.29
N22 A1BW0 C . 7.01 9.67 15.73
O13 A1BW0 C . 8.13 11.66 15.68
O29 A1BW0 C . 9.60 8.72 18.93
S DMS D . 4.32 22.22 2.60
O DMS D . 5.38 22.76 1.64
C1 DMS D . 5.14 21.90 4.20
C2 DMS D . 4.02 20.47 2.20
H11 DMS D . 4.44 21.48 4.87
H12 DMS D . 5.52 22.81 4.58
H13 DMS D . 5.93 21.22 4.05
H21 DMS D . 4.90 19.91 2.35
H22 DMS D . 3.70 20.38 1.18
H23 DMS D . 3.25 20.09 2.83
C10 A1BW0 E . -7.25 -14.67 -10.24
C15 A1BW0 E . -0.42 -11.22 -5.54
C17 A1BW0 E . -2.29 -11.96 -6.70
C21 A1BW0 E . -3.23 -14.86 -3.63
C24 A1BW0 E . 1.61 -10.41 -0.85
C28 A1BW0 E . 2.12 -9.66 1.52
C01 A1BW0 E . -3.17 -11.76 -7.87
C02 A1BW0 E . -3.19 -10.63 -8.69
C03 A1BW0 E . -4.16 -10.75 -9.67
C04 A1BW0 E . -4.78 -11.99 -9.46
C06 A1BW0 E . -5.83 -12.67 -10.08
C07 A1BW0 E . -6.17 -13.93 -9.58
C08 A1BW0 E . -5.49 -14.45 -8.47
C12 A1BW0 E . 0.30 -12.23 -3.36
C14 A1BW0 E . -0.66 -12.16 -4.52
C18 A1BW0 E . -2.58 -12.93 -5.75
C19 A1BW0 E . -1.76 -13.05 -4.63
C23 A1BW0 E . 2.13 -10.94 -2.19
C25 A1BW0 E . 2.68 -10.37 0.26
C27 A1BW0 E . 4.04 -9.76 -0.17
F26 A1BW0 E . 0.57 -11.19 -0.45
N05 A1BW0 E . -4.18 -12.59 -8.32
N09 A1BW0 E . -4.49 -13.82 -7.82
N11 A1BW0 E . -8.10 -15.22 -10.78
N16 A1BW0 E . -1.24 -11.11 -6.59
N20 A1BW0 E . -2.02 -14.02 -3.63
N22 A1BW0 E . 1.07 -11.15 -3.19
O13 A1BW0 E . 0.34 -13.25 -2.69
O29 A1BW0 E . 2.93 -11.74 0.60
#